data_5ZAH
#
_entry.id   5ZAH
#
_cell.length_a   120.434
_cell.length_b   120.434
_cell.length_c   42.227
_cell.angle_alpha   90.00
_cell.angle_beta   90.00
_cell.angle_gamma   120.00
#
_symmetry.space_group_name_H-M   'H 3'
#
loop_
_entity.id
_entity.type
_entity.pdbx_description
1 polymer 'Urokinase-type plasminogen activator chain B'
2 non-polymer 3-azanyl-5-(azepan-1-yl)-N-carbamimidoyl-6-(2-methoxypyrimidin-5-yl)pyrazine-2-carboxamide
3 water water
#
_entity_poly.entity_id   1
_entity_poly.type   'polypeptide(L)'
_entity_poly.pdbx_seq_one_letter_code
;IIGGEFTTIENQPWFAAIYRRHRGGSVTYVCGGSLISPCWVISATHCFIDYPKKEDYIVYLGRSRLNSNTQGEMKFEVEN
LILHKDYSADTLAHHNDIALLKIRSKEGRCAQPSRTIQTIALPSMYNDPQFGTSCEITGFGKEQSTDYLYPEQLKMTVVK
LISHRECQQPHYYGSEVTTKMLCAADPQWKTDSCQGDSGGPLVCSLQGRMTLTGIVSWGRGCALKDKPGVYTRVSHFLPW
IRSHTKEENGLAL
;
_entity_poly.pdbx_strand_id   U
#
# COMPACT_ATOMS: atom_id res chain seq x y z
N ILE A 1 -0.63 10.49 -3.98
CA ILE A 1 -2.02 10.35 -4.51
C ILE A 1 -2.27 11.51 -5.45
N ILE A 2 -2.74 11.21 -6.66
CA ILE A 2 -3.08 12.22 -7.66
C ILE A 2 -4.48 12.73 -7.39
N GLY A 3 -4.63 14.02 -7.19
CA GLY A 3 -5.94 14.57 -6.83
C GLY A 3 -6.36 14.12 -5.44
N GLY A 4 -7.55 13.55 -5.31
CA GLY A 4 -8.06 13.14 -4.01
C GLY A 4 -8.21 14.30 -3.02
N GLU A 5 -7.93 14.00 -1.76
CA GLU A 5 -8.09 14.94 -0.65
C GLU A 5 -7.10 14.61 0.44
N PHE A 6 -6.78 15.60 1.27
CA PHE A 6 -5.89 15.37 2.40
C PHE A 6 -6.68 14.75 3.53
N THR A 7 -5.96 14.14 4.45
CA THR A 7 -6.56 13.42 5.57
C THR A 7 -5.58 13.34 6.73
N THR A 8 -6.03 12.81 7.86
CA THR A 8 -5.16 12.49 8.97
C THR A 8 -5.21 11.00 9.19
N ILE A 9 -4.37 10.53 10.10
CA ILE A 9 -4.26 9.10 10.37
C ILE A 9 -5.50 8.53 11.04
N GLU A 10 -6.30 9.38 11.68
CA GLU A 10 -7.54 8.93 12.31
C GLU A 10 -8.55 8.37 11.30
N ASN A 11 -8.52 8.83 10.05
CA ASN A 11 -9.40 8.27 8.99
C ASN A 11 -8.92 6.96 8.40
N GLN A 12 -7.66 6.61 8.62
CA GLN A 12 -7.03 5.46 7.97
C GLN A 12 -5.97 4.89 8.93
N PRO A 13 -6.36 4.62 10.19
CA PRO A 13 -5.41 4.32 11.29
C PRO A 13 -4.54 3.07 11.08
N TRP A 14 -5.00 2.13 10.28
CA TRP A 14 -4.16 1.00 9.83
C TRP A 14 -2.94 1.41 9.00
N PHE A 15 -3.01 2.54 8.30
CA PHE A 15 -1.91 2.98 7.43
C PHE A 15 -0.60 3.09 8.19
N ALA A 16 0.46 2.61 7.52
CA ALA A 16 1.84 2.58 8.04
C ALA A 16 2.78 3.29 7.10
N ALA A 17 3.85 3.85 7.66
CA ALA A 17 4.79 4.67 6.93
C ALA A 17 6.16 4.07 7.09
N ILE A 18 6.80 3.71 5.98
CA ILE A 18 8.06 2.99 6.01
C ILE A 18 9.20 3.82 5.44
N TYR A 19 10.23 3.97 6.26
CA TYR A 19 11.37 4.79 5.96
C TYR A 19 12.58 3.93 6.11
N ARG A 20 13.65 4.34 5.45
CA ARG A 20 14.91 3.62 5.46
C ARG A 20 16.03 4.48 5.96
N ARG A 21 16.84 3.96 6.87
CA ARG A 21 18.04 4.62 7.34
C ARG A 21 19.13 4.55 6.31
N HIS A 22 20.07 5.48 6.45
CA HIS A 22 21.24 5.53 5.59
C HIS A 22 22.47 5.12 6.46
N ARG A 23 23.65 4.77 5.92
CA ARG A 23 24.29 5.29 4.69
C ARG A 23 24.65 6.79 4.88
N GLY A 24 24.96 7.16 6.12
CA GLY A 24 25.21 8.54 6.48
C GLY A 24 23.98 9.23 7.04
N GLY A 25 23.41 8.66 8.11
CA GLY A 25 22.45 9.35 9.00
C GLY A 25 21.07 9.79 8.49
N SER A 26 20.91 9.91 7.16
CA SER A 26 19.67 10.39 6.54
C SER A 26 18.58 9.32 6.63
N VAL A 27 17.33 9.78 6.81
CA VAL A 27 16.14 8.92 6.88
C VAL A 27 15.08 9.37 5.87
N THR A 28 14.95 8.64 4.76
CA THR A 28 14.03 8.98 3.67
C THR A 28 12.85 8.00 3.59
N TYR A 29 11.73 8.48 3.06
CA TYR A 29 10.53 7.67 2.96
C TYR A 29 10.66 6.72 1.79
N VAL A 30 10.15 5.51 1.98
CA VAL A 30 10.23 4.43 1.03
C VAL A 30 8.85 4.09 0.49
N CYS A 31 7.97 3.61 1.38
CA CYS A 31 6.69 3.02 1.00
C CYS A 31 5.70 3.02 2.14
N GLY A 32 4.45 2.78 1.74
CA GLY A 32 3.34 2.62 2.66
C GLY A 32 3.14 1.17 3.01
N GLY A 33 2.23 0.95 3.95
CA GLY A 33 1.90 -0.37 4.44
C GLY A 33 0.61 -0.30 5.21
N SER A 34 0.12 -1.46 5.61
CA SER A 34 -1.11 -1.56 6.37
C SER A 34 -0.90 -2.53 7.52
N LEU A 35 -1.19 -2.08 8.72
CA LEU A 35 -1.15 -2.94 9.90
C LEU A 35 -2.32 -3.90 9.84
N ILE A 36 -2.03 -5.16 9.58
CA ILE A 36 -3.06 -6.19 9.55
C ILE A 36 -3.20 -6.89 10.89
N SER A 37 -2.16 -6.80 11.71
CA SER A 37 -2.13 -7.44 13.01
C SER A 37 -1.11 -6.69 13.87
N PRO A 38 -1.23 -6.78 15.21
CA PRO A 38 -0.38 -6.01 16.11
C PRO A 38 1.10 -6.03 15.78
N CYS A 39 1.64 -7.19 15.42
CA CYS A 39 3.07 -7.32 15.10
C CYS A 39 3.38 -7.31 13.60
N TRP A 40 2.35 -7.33 12.75
CA TRP A 40 2.52 -7.51 11.33
C TRP A 40 1.97 -6.38 10.49
N VAL A 41 2.86 -5.75 9.73
CA VAL A 41 2.48 -4.83 8.66
C VAL A 41 2.73 -5.50 7.34
N ILE A 42 1.87 -5.20 6.38
CA ILE A 42 1.95 -5.73 5.03
C ILE A 42 2.22 -4.61 4.03
N SER A 43 3.11 -4.88 3.10
CA SER A 43 3.55 -3.87 2.16
C SER A 43 3.71 -4.54 0.79
N ALA A 44 4.37 -3.85 -0.13
CA ALA A 44 4.80 -4.44 -1.40
C ALA A 44 6.26 -4.84 -1.32
N THR A 45 6.63 -5.85 -2.09
CA THR A 45 8.01 -6.34 -2.14
C THR A 45 8.89 -5.40 -2.94
N HIS A 46 8.43 -4.90 -4.08
CA HIS A 46 9.30 -4.07 -4.92
C HIS A 46 9.89 -2.91 -4.12
N CYS A 47 9.20 -2.50 -3.05
CA CYS A 47 9.69 -1.45 -2.17
C CYS A 47 11.07 -1.70 -1.55
N PHE A 48 11.42 -2.95 -1.29
CA PHE A 48 12.63 -3.31 -0.51
C PHE A 48 13.75 -4.04 -1.27
N ILE A 49 13.47 -4.59 -2.44
CA ILE A 49 14.40 -5.49 -3.12
C ILE A 49 15.79 -4.95 -3.40
N ASP A 50 15.91 -3.65 -3.65
CA ASP A 50 17.21 -3.05 -3.83
C ASP A 50 18.02 -3.03 -2.58
N TYR A 51 17.38 -2.75 -1.45
CA TYR A 51 18.08 -2.77 -0.17
C TYR A 51 17.34 -3.64 0.79
N PRO A 52 17.55 -5.00 0.58
CA PRO A 52 16.60 -5.83 1.29
C PRO A 52 16.93 -6.25 2.71
N LYS A 53 17.68 -5.39 3.39
CA LYS A 53 18.07 -5.69 4.76
C LYS A 53 17.26 -4.96 5.83
N LYS A 54 16.67 -5.69 6.75
CA LYS A 54 15.69 -5.14 7.66
C LYS A 54 16.16 -4.01 8.55
N GLU A 55 17.46 -4.07 8.87
CA GLU A 55 18.08 -3.09 9.77
C GLU A 55 18.11 -1.71 9.14
N ASP A 56 18.06 -1.65 7.82
CA ASP A 56 17.91 -0.38 7.12
C ASP A 56 16.61 0.34 7.46
N TYR A 57 15.56 -0.39 7.84
CA TYR A 57 14.19 0.14 7.80
C TYR A 57 13.55 0.47 9.12
N ILE A 58 12.78 1.55 9.08
CA ILE A 58 11.98 2.03 10.20
C ILE A 58 10.52 2.13 9.74
N VAL A 59 9.63 1.78 10.66
CA VAL A 59 8.20 1.81 10.41
C VAL A 59 7.52 2.61 11.51
N TYR A 60 6.73 3.59 11.11
CA TYR A 60 6.01 4.44 12.03
C TYR A 60 4.55 4.12 11.86
N LEU A 61 3.78 4.27 12.93
CA LEU A 61 2.31 4.17 12.92
C LEU A 61 1.69 5.37 13.61
N GLY A 62 0.41 5.61 13.36
CA GLY A 62 -0.27 6.82 13.86
C GLY A 62 0.42 8.10 13.43
N ARG A 63 0.92 8.11 12.19
CA ARG A 63 1.68 9.22 11.61
C ARG A 63 0.94 9.78 10.39
N SER A 64 0.42 11.01 10.53
CA SER A 64 -0.29 11.75 9.46
C SER A 64 0.63 12.63 8.62
N ARG A 65 1.91 12.73 8.99
CA ARG A 65 2.83 13.61 8.29
C ARG A 65 4.19 12.99 8.02
N LEU A 66 4.80 13.47 6.95
CA LEU A 66 5.93 12.83 6.31
C LEU A 66 7.26 13.02 7.05
N ASN A 67 7.66 14.28 7.28
CA ASN A 67 8.93 14.60 7.98
C ASN A 67 8.72 15.27 9.34
N SER A 68 7.47 15.27 9.78
CA SER A 68 7.08 15.83 11.06
C SER A 68 6.43 14.74 11.93
N ASN A 69 6.88 14.70 13.19
CA ASN A 69 6.43 13.71 14.17
C ASN A 69 5.02 13.96 14.66
N THR A 70 4.05 13.24 14.10
CA THR A 70 2.63 13.35 14.52
C THR A 70 2.38 12.91 15.96
N GLN A 71 1.54 13.65 16.68
CA GLN A 71 1.23 13.33 18.08
C GLN A 71 0.44 12.02 18.16
N GLY A 72 0.81 11.18 19.12
CA GLY A 72 0.27 9.86 19.26
C GLY A 72 0.90 8.78 18.40
N GLU A 73 1.95 9.10 17.64
CA GLU A 73 2.60 8.09 16.80
C GLU A 73 3.46 7.07 17.59
N MET A 74 3.84 5.98 16.92
CA MET A 74 4.74 4.96 17.43
C MET A 74 5.71 4.48 16.36
N LYS A 75 6.98 4.37 16.72
CA LYS A 75 8.08 4.07 15.80
C LYS A 75 8.54 2.64 16.04
N PHE A 76 8.83 1.92 14.95
CA PHE A 76 9.17 0.50 15.01
C PHE A 76 10.32 0.14 14.10
N GLU A 77 11.12 -0.81 14.56
CA GLU A 77 12.16 -1.43 13.78
C GLU A 77 11.58 -2.70 13.19
N VAL A 78 12.17 -3.12 12.08
CA VAL A 78 11.69 -4.30 11.39
C VAL A 78 12.40 -5.50 11.99
N GLU A 79 11.67 -6.31 12.75
CA GLU A 79 12.22 -7.54 13.34
C GLU A 79 12.48 -8.57 12.25
N ASN A 80 11.61 -8.62 11.24
CA ASN A 80 11.75 -9.52 10.10
C ASN A 80 11.17 -8.91 8.85
N LEU A 81 11.88 -9.05 7.74
CA LEU A 81 11.41 -8.58 6.46
C LEU A 81 11.22 -9.80 5.57
N ILE A 82 9.99 -10.03 5.14
CA ILE A 82 9.62 -11.23 4.39
C ILE A 82 9.10 -10.85 3.01
N LEU A 83 9.94 -11.00 1.99
CA LEU A 83 9.57 -10.72 0.59
C LEU A 83 9.05 -12.01 -0.05
N HIS A 84 8.26 -11.89 -1.12
CA HIS A 84 7.53 -13.05 -1.64
C HIS A 84 8.43 -13.79 -2.61
N LYS A 85 8.77 -15.04 -2.25
CA LYS A 85 9.74 -15.85 -3.00
C LYS A 85 9.56 -15.82 -4.54
N ASP A 86 8.33 -15.97 -5.00
CA ASP A 86 8.04 -15.94 -6.44
C ASP A 86 7.87 -14.54 -7.05
N TYR A 87 8.32 -13.50 -6.35
CA TYR A 87 8.27 -12.14 -6.91
C TYR A 87 9.04 -12.03 -8.23
N SER A 88 8.58 -11.16 -9.12
CA SER A 88 9.32 -10.85 -10.35
C SER A 88 8.96 -9.48 -10.91
N ALA A 89 9.92 -8.79 -11.49
CA ALA A 89 9.62 -7.53 -12.07
C ALA A 89 9.62 -7.63 -13.56
N ASP A 90 8.45 -7.39 -14.14
CA ASP A 90 8.24 -7.30 -15.55
C ASP A 90 8.65 -5.90 -15.79
N THR A 91 8.67 -5.45 -17.04
CA THR A 91 9.13 -4.11 -17.29
C THR A 91 8.22 -3.17 -16.53
N LEU A 92 6.93 -3.42 -16.61
CA LEU A 92 5.96 -2.61 -15.91
C LEU A 92 5.45 -3.33 -14.70
N ALA A 93 5.15 -4.61 -14.88
CA ALA A 93 4.44 -5.36 -13.90
C ALA A 93 5.32 -5.80 -12.79
N HIS A 94 4.72 -6.03 -11.65
CA HIS A 94 5.41 -6.64 -10.52
C HIS A 94 4.56 -7.79 -10.04
N HIS A 95 5.13 -9.00 -10.08
CA HIS A 95 4.38 -10.21 -9.86
C HIS A 95 4.61 -10.61 -8.42
N ASN A 96 3.53 -10.99 -7.72
CA ASN A 96 3.57 -11.34 -6.29
C ASN A 96 4.19 -10.25 -5.46
N ASP A 97 3.72 -9.04 -5.70
CA ASP A 97 4.39 -7.85 -5.21
C ASP A 97 3.79 -7.64 -3.84
N ILE A 98 4.33 -8.36 -2.88
CA ILE A 98 3.74 -8.47 -1.54
C ILE A 98 4.82 -8.75 -0.52
N ALA A 99 4.80 -8.01 0.59
CA ALA A 99 5.83 -8.11 1.60
C ALA A 99 5.19 -8.13 2.98
N LEU A 100 5.81 -8.84 3.92
CA LEU A 100 5.43 -8.80 5.34
C LEU A 100 6.57 -8.28 6.19
N LEU A 101 6.25 -7.35 7.09
CA LEU A 101 7.20 -6.81 8.03
C LEU A 101 6.73 -7.11 9.43
N LYS A 102 7.57 -7.79 10.19
CA LYS A 102 7.36 -7.94 11.63
C LYS A 102 7.97 -6.75 12.33
N ILE A 103 7.13 -6.05 13.09
CA ILE A 103 7.54 -4.82 13.77
C ILE A 103 7.79 -5.07 15.26
N ARG A 104 8.82 -4.43 15.79
CA ARG A 104 8.96 -4.28 17.24
C ARG A 104 9.81 -3.03 17.54
N SER A 105 9.47 -2.40 18.66
CA SER A 105 10.09 -1.17 19.12
C SER A 105 11.45 -1.46 19.76
N LYS A 106 12.13 -0.39 20.17
CA LYS A 106 13.36 -0.52 20.98
C LYS A 106 13.11 -1.24 22.31
N GLU A 107 11.91 -1.13 22.85
CA GLU A 107 11.53 -1.84 24.07
C GLU A 107 11.00 -3.25 23.77
N GLY A 108 11.07 -3.66 22.50
CA GLY A 108 10.69 -5.00 22.09
C GLY A 108 9.21 -5.28 22.26
N ARG A 109 8.37 -4.35 21.84
CA ARG A 109 6.93 -4.57 21.86
C ARG A 109 6.30 -4.17 20.53
N CYS A 110 5.18 -4.81 20.21
CA CYS A 110 4.39 -4.53 19.02
C CYS A 110 3.50 -3.29 19.26
N ALA A 111 2.57 -3.04 18.36
CA ALA A 111 1.70 -1.91 18.53
C ALA A 111 0.64 -2.05 19.60
N GLN A 112 0.25 -0.90 20.14
CA GLN A 112 -0.89 -0.77 21.01
C GLN A 112 -1.96 0.01 20.27
N PRO A 113 -3.21 -0.63 20.17
CA PRO A 113 -4.20 0.13 19.40
C PRO A 113 -4.79 1.32 20.10
N SER A 114 -4.86 2.40 19.36
CA SER A 114 -5.29 3.68 19.87
C SER A 114 -6.31 4.25 18.90
N ARG A 115 -6.72 5.50 19.14
CA ARG A 115 -7.58 6.23 18.22
C ARG A 115 -6.91 6.39 16.84
N THR A 116 -5.60 6.68 16.84
CA THR A 116 -4.83 6.90 15.62
C THR A 116 -4.18 5.63 15.03
N ILE A 117 -4.37 4.48 15.68
CA ILE A 117 -3.72 3.20 15.30
C ILE A 117 -4.66 2.00 15.48
N GLN A 118 -5.05 1.35 14.38
CA GLN A 118 -6.03 0.24 14.40
C GLN A 118 -5.78 -0.67 13.21
N THR A 119 -5.97 -1.98 13.38
CA THR A 119 -5.78 -2.93 12.26
C THR A 119 -6.93 -2.94 11.23
N ILE A 120 -6.61 -3.46 10.05
CA ILE A 120 -7.55 -3.63 8.95
C ILE A 120 -7.76 -5.11 8.77
N ALA A 121 -8.98 -5.51 8.44
CA ALA A 121 -9.26 -6.92 8.21
C ALA A 121 -8.93 -7.31 6.78
N LEU A 122 -8.66 -8.59 6.58
CA LEU A 122 -8.34 -9.16 5.28
C LEU A 122 -9.58 -9.82 4.74
N PRO A 123 -9.68 -9.95 3.41
CA PRO A 123 -10.86 -10.59 2.83
C PRO A 123 -10.94 -12.08 3.16
N SER A 124 -12.11 -12.65 2.95
CA SER A 124 -12.27 -14.07 2.88
C SER A 124 -11.84 -14.46 1.50
N MET A 125 -11.44 -15.69 1.33
CA MET A 125 -10.66 -16.04 0.18
C MET A 125 -11.39 -15.81 -1.13
N TYR A 126 -10.70 -15.14 -2.02
CA TYR A 126 -11.09 -15.00 -3.39
C TYR A 126 -12.35 -14.15 -3.50
N ASN A 127 -12.69 -13.53 -2.38
CA ASN A 127 -13.97 -12.86 -2.22
C ASN A 127 -13.74 -11.37 -2.43
N ASP A 128 -13.75 -10.96 -3.69
CA ASP A 128 -13.55 -9.57 -4.07
C ASP A 128 -14.90 -8.90 -4.34
N PRO A 129 -14.94 -7.58 -4.24
CA PRO A 129 -16.14 -6.81 -4.47
C PRO A 129 -16.51 -6.69 -5.92
N GLN A 130 -17.75 -6.31 -6.16
CA GLN A 130 -18.22 -6.13 -7.52
C GLN A 130 -17.47 -5.01 -8.16
N PHE A 131 -17.18 -5.17 -9.43
CA PHE A 131 -16.42 -4.21 -10.14
C PHE A 131 -17.27 -2.97 -10.19
N GLY A 132 -16.68 -1.81 -10.42
CA GLY A 132 -17.38 -0.56 -10.18
C GLY A 132 -17.56 -0.20 -8.71
N THR A 133 -17.14 -1.07 -7.80
CA THR A 133 -17.19 -0.77 -6.37
C THR A 133 -16.25 0.38 -6.10
N SER A 134 -16.73 1.38 -5.37
CA SER A 134 -15.88 2.47 -4.92
C SER A 134 -15.07 1.98 -3.73
N CYS A 135 -13.79 2.29 -3.79
CA CYS A 135 -12.84 1.75 -2.87
C CYS A 135 -11.81 2.84 -2.54
N GLU A 136 -11.09 2.70 -1.43
CA GLU A 136 -10.24 3.78 -0.87
C GLU A 136 -8.73 3.52 -0.85
N ILE A 137 -7.97 4.42 -1.49
CA ILE A 137 -6.49 4.38 -1.47
C ILE A 137 -5.91 5.53 -0.63
N THR A 138 -4.78 5.29 0.02
CA THR A 138 -4.15 6.23 0.95
C THR A 138 -2.62 6.15 0.85
N GLY A 139 -1.98 7.32 0.96
CA GLY A 139 -0.51 7.40 0.96
C GLY A 139 0.08 8.81 0.81
N PHE A 140 1.36 8.92 1.15
CA PHE A 140 2.14 10.15 0.98
C PHE A 140 2.76 10.21 -0.43
N GLY A 141 2.13 9.61 -1.43
CA GLY A 141 2.69 9.59 -2.78
C GLY A 141 2.57 10.94 -3.47
N LYS A 142 3.31 11.08 -4.57
CA LYS A 142 3.31 12.30 -5.38
C LYS A 142 1.91 12.80 -5.69
N GLU A 143 1.74 14.12 -5.64
CA GLU A 143 0.46 14.75 -5.94
C GLU A 143 0.24 14.88 -7.43
N GLN A 144 1.36 14.94 -8.16
CA GLN A 144 1.39 14.95 -9.63
C GLN A 144 2.69 14.28 -10.07
N SER A 145 2.67 13.64 -11.25
CA SER A 145 3.83 12.84 -11.74
C SER A 145 5.08 13.69 -12.03
N THR A 146 4.91 14.98 -12.32
CA THR A 146 6.04 15.91 -12.51
C THR A 146 6.72 16.33 -11.20
N ASP A 147 6.04 16.17 -10.08
CA ASP A 147 6.57 16.60 -8.82
C ASP A 147 7.78 15.80 -8.48
N TYR A 148 8.79 16.48 -7.97
CA TYR A 148 9.93 15.94 -7.24
C TYR A 148 9.57 15.43 -5.86
N LEU A 149 8.71 16.17 -5.19
CA LEU A 149 8.47 16.00 -3.79
C LEU A 149 7.22 15.25 -3.49
N TYR A 150 7.22 14.62 -2.34
CA TYR A 150 6.02 14.01 -1.83
C TYR A 150 5.35 15.02 -0.90
N PRO A 151 4.02 14.98 -0.79
CA PRO A 151 3.30 15.88 0.10
C PRO A 151 3.63 15.61 1.55
N GLU A 152 3.55 16.66 2.35
CA GLU A 152 3.93 16.58 3.75
C GLU A 152 2.79 15.95 4.55
N GLN A 153 1.56 16.24 4.13
CA GLN A 153 0.37 15.74 4.77
C GLN A 153 -0.14 14.52 4.02
N LEU A 154 -0.71 13.57 4.77
CA LEU A 154 -1.24 12.32 4.21
C LEU A 154 -2.42 12.64 3.31
N LYS A 155 -2.59 11.84 2.25
CA LYS A 155 -3.73 11.98 1.31
C LYS A 155 -4.46 10.67 1.08
N MET A 156 -5.74 10.79 0.70
CA MET A 156 -6.55 9.65 0.29
C MET A 156 -7.59 10.05 -0.75
N THR A 157 -8.04 9.08 -1.53
CA THR A 157 -8.95 9.31 -2.64
C THR A 157 -9.78 8.06 -2.91
N VAL A 158 -10.65 8.16 -3.91
CA VAL A 158 -11.57 7.08 -4.25
C VAL A 158 -11.29 6.61 -5.67
N VAL A 159 -11.38 5.29 -5.87
CA VAL A 159 -11.24 4.69 -7.18
C VAL A 159 -12.25 3.57 -7.29
N LYS A 160 -12.74 3.38 -8.51
CA LYS A 160 -13.71 2.34 -8.80
C LYS A 160 -13.00 1.15 -9.41
N LEU A 161 -13.39 -0.04 -8.96
CA LEU A 161 -12.77 -1.27 -9.43
C LEU A 161 -13.16 -1.58 -10.87
N ILE A 162 -12.29 -2.35 -11.52
CA ILE A 162 -12.37 -2.63 -12.95
C ILE A 162 -12.26 -4.14 -13.09
N SER A 163 -13.13 -4.73 -13.89
CA SER A 163 -13.12 -6.17 -14.10
C SER A 163 -11.82 -6.58 -14.79
N HIS A 164 -11.37 -7.79 -14.57
CA HIS A 164 -10.17 -8.23 -15.24
C HIS A 164 -10.38 -8.20 -16.71
N ARG A 165 -11.56 -8.61 -17.12
CA ARG A 165 -11.86 -8.71 -18.53
C ARG A 165 -11.58 -7.37 -19.14
N GLU A 166 -12.03 -6.33 -18.46
CA GLU A 166 -11.82 -4.98 -18.90
C GLU A 166 -10.38 -4.54 -18.92
N CYS A 167 -9.65 -4.86 -17.88
CA CYS A 167 -8.26 -4.38 -17.74
C CYS A 167 -7.26 -5.07 -18.70
N GLN A 168 -7.55 -6.35 -18.98
CA GLN A 168 -6.91 -7.15 -20.02
C GLN A 168 -6.85 -6.54 -21.42
N GLN A 169 -7.78 -5.65 -21.78
CA GLN A 169 -7.73 -4.93 -23.07
C GLN A 169 -6.31 -4.48 -23.42
N PRO A 170 -5.91 -4.57 -24.71
CA PRO A 170 -4.62 -3.98 -25.11
C PRO A 170 -4.59 -2.46 -24.94
N HIS A 171 -5.78 -1.88 -25.03
CA HIS A 171 -6.03 -0.46 -24.84
C HIS A 171 -5.63 -0.07 -23.42
N TYR A 172 -5.92 -0.96 -22.46
CA TYR A 172 -5.53 -0.82 -21.05
C TYR A 172 -4.13 -1.39 -20.78
N TYR A 173 -3.99 -2.52 -20.08
CA TYR A 173 -2.67 -3.10 -19.79
C TYR A 173 -2.36 -4.37 -20.57
N GLY A 174 -3.28 -4.77 -21.44
CA GLY A 174 -3.06 -5.96 -22.26
C GLY A 174 -2.80 -7.18 -21.42
N SER A 175 -1.77 -7.92 -21.82
CA SER A 175 -1.32 -9.12 -21.14
C SER A 175 -0.85 -8.87 -19.70
N GLU A 176 -0.22 -7.72 -19.49
CA GLU A 176 0.53 -7.40 -18.25
C GLU A 176 -0.23 -7.74 -16.98
N VAL A 177 -1.54 -7.49 -16.97
CA VAL A 177 -2.35 -7.74 -15.78
C VAL A 177 -2.78 -9.20 -15.69
N THR A 178 -2.60 -9.78 -14.50
CA THR A 178 -2.97 -11.16 -14.19
C THR A 178 -4.14 -11.16 -13.21
N THR A 179 -4.59 -12.36 -12.82
CA THR A 179 -5.76 -12.51 -11.93
C THR A 179 -5.40 -12.50 -10.45
N LYS A 180 -4.09 -12.48 -10.15
CA LYS A 180 -3.61 -12.13 -8.82
C LYS A 180 -3.44 -10.61 -8.65
N MET A 181 -3.70 -9.85 -9.71
CA MET A 181 -3.70 -8.39 -9.65
C MET A 181 -5.13 -7.88 -9.81
N LEU A 182 -5.40 -6.73 -9.17
CA LEU A 182 -6.62 -5.93 -9.41
C LEU A 182 -6.29 -4.63 -10.11
N CYS A 183 -7.24 -4.11 -10.87
CA CYS A 183 -7.16 -2.77 -11.45
C CYS A 183 -8.16 -1.86 -10.76
N ALA A 184 -7.84 -0.58 -10.69
CA ALA A 184 -8.83 0.41 -10.26
C ALA A 184 -8.54 1.75 -10.86
N ALA A 185 -9.57 2.59 -10.94
CA ALA A 185 -9.44 3.89 -11.55
C ALA A 185 -10.68 4.71 -11.32
N ASP A 186 -10.50 6.02 -11.51
CA ASP A 186 -11.59 6.98 -11.55
C ASP A 186 -12.09 7.00 -12.99
N PRO A 187 -13.42 6.97 -13.20
CA PRO A 187 -13.95 6.96 -14.58
C PRO A 187 -13.43 8.11 -15.47
N GLN A 188 -13.23 9.28 -14.87
CA GLN A 188 -12.59 10.40 -15.55
C GLN A 188 -11.07 10.30 -15.63
N TRP A 189 -10.45 9.32 -14.98
CA TRP A 189 -8.98 9.24 -14.81
C TRP A 189 -8.42 10.46 -14.09
N LYS A 190 -9.22 11.01 -13.21
CA LYS A 190 -8.98 12.31 -12.55
C LYS A 190 -8.11 12.15 -11.29
N THR A 191 -8.37 11.10 -10.50
CA THR A 191 -7.60 10.80 -9.29
C THR A 191 -7.00 9.41 -9.34
N ASP A 192 -5.90 9.21 -8.63
CA ASP A 192 -5.15 7.96 -8.73
C ASP A 192 -4.09 7.88 -7.64
N SER A 193 -3.58 6.67 -7.44
CA SER A 193 -2.29 6.45 -6.80
C SER A 193 -1.14 6.87 -7.72
N CYS A 194 0.02 7.09 -7.08
CA CYS A 194 1.25 7.47 -7.73
C CYS A 194 2.50 6.99 -6.97
N GLN A 195 3.70 7.35 -7.44
CA GLN A 195 4.96 6.91 -6.79
C GLN A 195 4.96 7.37 -5.33
N GLY A 196 5.39 6.48 -4.43
CA GLY A 196 5.39 6.76 -2.98
C GLY A 196 4.15 6.22 -2.27
N ASP A 197 3.06 6.03 -3.01
CA ASP A 197 1.87 5.37 -2.49
C ASP A 197 2.04 3.84 -2.36
N SER A 198 2.99 3.28 -3.12
CA SER A 198 3.26 1.85 -3.21
C SER A 198 3.39 1.20 -1.83
N GLY A 199 2.86 -0.01 -1.69
CA GLY A 199 2.76 -0.67 -0.38
C GLY A 199 1.54 -0.22 0.43
N GLY A 200 1.01 0.95 0.12
CA GLY A 200 -0.16 1.48 0.79
C GLY A 200 -1.42 0.70 0.43
N PRO A 201 -2.52 0.90 1.21
CA PRO A 201 -3.73 0.08 1.10
C PRO A 201 -4.74 0.41 -0.02
N LEU A 202 -5.57 -0.58 -0.34
CA LEU A 202 -6.80 -0.37 -1.09
C LEU A 202 -7.86 -1.03 -0.24
N VAL A 203 -8.71 -0.23 0.39
CA VAL A 203 -9.67 -0.71 1.36
C VAL A 203 -11.06 -0.52 0.81
N CYS A 204 -11.71 -1.63 0.46
CA CYS A 204 -13.12 -1.61 0.15
C CYS A 204 -13.91 -2.06 1.37
N SER A 205 -15.14 -1.54 1.50
CA SER A 205 -16.06 -2.03 2.49
C SER A 205 -16.72 -3.24 1.87
N LEU A 206 -16.65 -4.36 2.57
CA LEU A 206 -17.21 -5.58 2.05
C LEU A 206 -17.94 -6.27 3.17
N GLN A 207 -19.20 -6.62 2.92
CA GLN A 207 -20.12 -7.21 3.91
C GLN A 207 -20.27 -6.31 5.15
N GLY A 208 -20.30 -5.01 4.94
CA GLY A 208 -20.60 -4.11 6.02
C GLY A 208 -19.47 -3.85 6.96
N ARG A 209 -18.27 -4.19 6.50
CA ARG A 209 -17.05 -3.96 7.25
C ARG A 209 -15.93 -3.61 6.30
N MET A 210 -15.01 -2.77 6.74
CA MET A 210 -13.88 -2.40 5.89
C MET A 210 -12.83 -3.48 5.74
N THR A 211 -12.31 -3.63 4.54
CA THR A 211 -11.55 -4.81 4.18
C THR A 211 -10.41 -4.46 3.24
N LEU A 212 -9.22 -4.97 3.53
CA LEU A 212 -8.04 -4.68 2.74
C LEU A 212 -8.04 -5.50 1.47
N THR A 213 -8.56 -4.89 0.41
CA THR A 213 -8.76 -5.56 -0.87
C THR A 213 -7.50 -5.60 -1.74
N GLY A 214 -6.64 -4.59 -1.60
CA GLY A 214 -5.43 -4.52 -2.40
C GLY A 214 -4.28 -3.74 -1.80
N ILE A 215 -3.09 -3.97 -2.35
CA ILE A 215 -1.88 -3.23 -2.00
C ILE A 215 -1.41 -2.50 -3.27
N VAL A 216 -1.24 -1.18 -3.17
CA VAL A 216 -0.79 -0.37 -4.30
C VAL A 216 0.51 -0.97 -4.86
N SER A 217 0.53 -1.29 -6.16
CA SER A 217 1.64 -2.03 -6.78
C SER A 217 2.32 -1.32 -7.95
N TRP A 218 1.57 -1.03 -9.01
CA TRP A 218 2.18 -0.42 -10.20
C TRP A 218 1.21 0.30 -11.14
N GLY A 219 1.74 1.00 -12.13
CA GLY A 219 0.93 1.71 -13.08
C GLY A 219 1.85 2.43 -14.00
N ARG A 220 1.35 2.82 -15.15
CA ARG A 220 2.10 3.59 -16.12
C ARG A 220 1.61 5.00 -15.99
N GLY A 221 2.41 5.84 -15.34
CA GLY A 221 2.05 7.21 -15.06
C GLY A 221 0.90 7.24 -14.11
N CYS A 222 0.97 8.11 -13.13
CA CYS A 222 -0.12 8.27 -12.24
C CYS A 222 -1.24 8.97 -12.98
N ALA A 223 -2.43 8.39 -12.93
CA ALA A 223 -3.63 8.99 -13.50
C ALA A 223 -3.56 9.39 -14.94
N LEU A 224 -3.55 8.41 -15.84
CA LEU A 224 -3.52 8.65 -17.26
C LEU A 224 -4.71 7.97 -17.88
N LYS A 225 -5.21 8.48 -18.98
CA LYS A 225 -6.36 7.83 -19.62
C LYS A 225 -5.98 6.39 -20.05
N ASP A 226 -6.92 5.48 -19.83
CA ASP A 226 -6.79 4.05 -20.10
C ASP A 226 -5.65 3.30 -19.41
N LYS A 227 -5.11 3.82 -18.33
CA LYS A 227 -4.05 3.11 -17.58
C LYS A 227 -4.47 3.16 -16.13
N PRO A 228 -5.20 2.14 -15.67
CA PRO A 228 -5.55 2.16 -14.25
C PRO A 228 -4.37 2.01 -13.29
N GLY A 229 -4.64 2.10 -12.00
CA GLY A 229 -3.68 1.66 -11.00
C GLY A 229 -3.84 0.16 -10.91
N VAL A 230 -2.75 -0.54 -10.55
CA VAL A 230 -2.72 -1.99 -10.39
C VAL A 230 -2.28 -2.32 -8.98
N TYR A 231 -3.00 -3.24 -8.34
CA TYR A 231 -2.87 -3.51 -6.90
C TYR A 231 -2.81 -5.01 -6.71
N THR A 232 -2.09 -5.45 -5.69
CA THR A 232 -2.02 -6.89 -5.41
C THR A 232 -3.40 -7.36 -4.85
N ARG A 233 -3.96 -8.40 -5.47
CA ARG A 233 -5.26 -8.93 -5.09
C ARG A 233 -5.10 -9.76 -3.84
N VAL A 234 -5.42 -9.18 -2.69
CA VAL A 234 -5.08 -9.77 -1.39
C VAL A 234 -5.80 -11.11 -1.15
N SER A 235 -7.08 -11.19 -1.47
CA SER A 235 -7.84 -12.46 -1.43
C SER A 235 -7.09 -13.67 -2.04
N HIS A 236 -6.28 -13.39 -3.07
CA HIS A 236 -5.44 -14.39 -3.72
C HIS A 236 -4.14 -14.80 -2.98
N PHE A 237 -3.77 -14.13 -1.89
CA PHE A 237 -2.48 -14.42 -1.23
C PHE A 237 -2.66 -14.81 0.22
N LEU A 238 -3.88 -15.21 0.60
CA LEU A 238 -4.21 -15.43 2.02
C LEU A 238 -3.43 -16.56 2.68
N PRO A 239 -3.25 -17.68 1.97
CA PRO A 239 -2.46 -18.74 2.59
C PRO A 239 -1.00 -18.30 2.82
N TRP A 240 -0.36 -17.71 1.81
CA TRP A 240 0.97 -17.11 1.94
C TRP A 240 1.04 -16.17 3.13
N ILE A 241 0.06 -15.32 3.26
CA ILE A 241 0.04 -14.41 4.36
C ILE A 241 -0.09 -15.16 5.63
N ARG A 242 -1.00 -16.11 5.62
CA ARG A 242 -1.34 -16.78 6.83
C ARG A 242 -0.15 -17.50 7.31
N SER A 243 0.52 -18.18 6.41
CA SER A 243 1.61 -19.03 6.81
C SER A 243 2.73 -18.24 7.34
N HIS A 244 3.08 -17.21 6.62
CA HIS A 244 4.27 -16.45 6.97
C HIS A 244 4.13 -15.63 8.25
N THR A 245 3.00 -15.74 8.96
CA THR A 245 2.79 -15.04 10.22
C THR A 245 2.97 -15.96 11.44
#